data_3FX8
# 
_entry.id   3FX8 
# 
_audit_conform.dict_name       mmcif_pdbx.dic 
_audit_conform.dict_version    5.387 
_audit_conform.dict_location   http://mmcif.pdb.org/dictionaries/ascii/mmcif_pdbx.dic 
# 
loop_
_database_2.database_id 
_database_2.database_code 
_database_2.pdbx_database_accession 
_database_2.pdbx_DOI 
PDB   3FX8         pdb_00003fx8 10.2210/pdb3fx8/pdb 
NDB   BD0109       ?            ?                   
RCSB  RCSB051153   ?            ?                   
WWPDB D_1000051153 ?            ?                   
# 
loop_
_pdbx_audit_revision_history.ordinal 
_pdbx_audit_revision_history.data_content_type 
_pdbx_audit_revision_history.major_revision 
_pdbx_audit_revision_history.minor_revision 
_pdbx_audit_revision_history.revision_date 
1 'Structure model' 1 0 2010-03-16 
2 'Structure model' 1 1 2011-07-13 
3 'Structure model' 1 2 2024-02-21 
# 
_pdbx_audit_revision_details.ordinal             1 
_pdbx_audit_revision_details.revision_ordinal    1 
_pdbx_audit_revision_details.data_content_type   'Structure model' 
_pdbx_audit_revision_details.provider            repository 
_pdbx_audit_revision_details.type                'Initial release' 
_pdbx_audit_revision_details.description         ? 
_pdbx_audit_revision_details.details             ? 
# 
loop_
_pdbx_audit_revision_group.ordinal 
_pdbx_audit_revision_group.revision_ordinal 
_pdbx_audit_revision_group.data_content_type 
_pdbx_audit_revision_group.group 
1 2 'Structure model' 'Version format compliance' 
2 3 'Structure model' 'Data collection'           
3 3 'Structure model' 'Database references'       
4 3 'Structure model' 'Derived calculations'      
# 
loop_
_pdbx_audit_revision_category.ordinal 
_pdbx_audit_revision_category.revision_ordinal 
_pdbx_audit_revision_category.data_content_type 
_pdbx_audit_revision_category.category 
1 3 'Structure model' chem_comp_atom 
2 3 'Structure model' chem_comp_bond 
3 3 'Structure model' database_2     
4 3 'Structure model' struct_site    
# 
loop_
_pdbx_audit_revision_item.ordinal 
_pdbx_audit_revision_item.revision_ordinal 
_pdbx_audit_revision_item.data_content_type 
_pdbx_audit_revision_item.item 
1 3 'Structure model' '_database_2.pdbx_DOI'                
2 3 'Structure model' '_database_2.pdbx_database_accession' 
3 3 'Structure model' '_struct_site.pdbx_auth_asym_id'      
4 3 'Structure model' '_struct_site.pdbx_auth_comp_id'      
5 3 'Structure model' '_struct_site.pdbx_auth_seq_id'       
# 
_pdbx_database_status.status_code                     REL 
_pdbx_database_status.entry_id                        3FX8 
_pdbx_database_status.recvd_initial_deposition_date   2009-01-20 
_pdbx_database_status.deposit_site                    RCSB 
_pdbx_database_status.process_site                    RCSB 
_pdbx_database_status.status_code_sf                  REL 
_pdbx_database_status.status_code_mr                  ? 
_pdbx_database_status.SG_entry                        ? 
_pdbx_database_status.pdb_format_compatible           Y 
_pdbx_database_status.status_code_cs                  ? 
_pdbx_database_status.status_code_nmr_data            ? 
_pdbx_database_status.methods_development_category    ? 
# 
loop_
_pdbx_database_related.db_name 
_pdbx_database_related.db_id 
_pdbx_database_related.details 
_pdbx_database_related.content_type 
PDB 2ET0 
;Recognition of three-way DNA junctions by a metallo-supramolecular cylinder ('helicate') at two distinct sites
;
unspecified 
PDB 3FX9 
;Distinct recognition of three-way DNA junctions by the two enantiomers of a metallo-supramolecular cylinder ('helicate')
;
unspecified 
# 
loop_
_audit_author.name 
_audit_author.pdbx_ordinal 
'Boer, D.R.' 1 
'Uson, I.'   2 
'Coll, M.'   3 
# 
loop_
_citation.id 
_citation.title 
_citation.journal_abbrev 
_citation.journal_volume 
_citation.page_first 
_citation.page_last 
_citation.year 
_citation.journal_id_ASTM 
_citation.country 
_citation.journal_id_ISSN 
_citation.journal_id_CSD 
_citation.book_publisher 
_citation.pdbx_database_id_PubMed 
_citation.pdbx_database_id_DOI 
primary 
;Self-Assembly of Functionalizable Two-Component 3D DNA Arrays through the Induced Formation of DNA Three-Way-Junction Branch Points by Supramolecular Cylinders.
;
Angew.Chem.Int.Ed.Engl. 49 2336 2339 2010 ? GE 1433-7851 9999 ? 20191645 10.1002/anie.200906742 
1       'Molecular recognition of a three-way DNA junction by a metallosupramolecular helicate.' Angew.Chem.Int.Ed.Engl. 45 1227 
1231 2006 ? GE 1433-7851 9999 ? 16463312 10.1002/anie.200503822 
# 
loop_
_citation_author.citation_id 
_citation_author.name 
_citation_author.ordinal 
_citation_author.identifier_ORCID 
primary 'Boer, D.R.'       1  ? 
primary 'Kerckhoffs, J.M.' 2  ? 
primary 'Parajo, Y.'       3  ? 
primary 'Pascu, M.'        4  ? 
primary 'Uson, I.'         5  ? 
primary 'Lincoln, P.'      6  ? 
primary 'Hannon, M.J.'     7  ? 
primary 'Coll, M.'         8  ? 
1       'Oleksy, A.'       9  ? 
1       'Blanco, A.G.'     10 ? 
1       'Boer, R.'         11 ? 
1       'Uson, I.'         12 ? 
1       'Aymami, J.'       13 ? 
1       'Rodger, A.'       14 ? 
1       'Hannon, M.J.'     15 ? 
1       'Coll, M.'         16 ? 
# 
loop_
_entity.id 
_entity.type 
_entity.src_method 
_entity.pdbx_description 
_entity.formula_weight 
_entity.pdbx_number_of_molecules 
_entity.pdbx_ec 
_entity.pdbx_mutation 
_entity.pdbx_fragment 
_entity.details 
1 polymer     syn "(5'-D(*CP*GP*TP*AP*CP*G)-3'"                                  1809.217 1 ? ? ? 'Synthetic hexanucleotide' 
2 non-polymer syn 'FE (II) ION'                                                  55.845   4 ? ? ? ?                          
3 non-polymer syn "4,4'-sulfanediylbis{N-[(1E)-pyridin-2-ylmethylidene]aniline}" 394.492  2 ? ? ? ?                          
# 
_entity_poly.entity_id                      1 
_entity_poly.type                           polydeoxyribonucleotide 
_entity_poly.nstd_linkage                   no 
_entity_poly.nstd_monomer                   no 
_entity_poly.pdbx_seq_one_letter_code       '(DC)(DG)(DT)(DA)(DC)(DG)' 
_entity_poly.pdbx_seq_one_letter_code_can   CGTACG 
_entity_poly.pdbx_strand_id                 C 
_entity_poly.pdbx_target_identifier         ? 
# 
loop_
_pdbx_entity_nonpoly.entity_id 
_pdbx_entity_nonpoly.name 
_pdbx_entity_nonpoly.comp_id 
2 'FE (II) ION'                                                  FE2 
3 "4,4'-sulfanediylbis{N-[(1E)-pyridin-2-ylmethylidene]aniline}" 5PM 
# 
loop_
_entity_poly_seq.entity_id 
_entity_poly_seq.num 
_entity_poly_seq.mon_id 
_entity_poly_seq.hetero 
1 1 DC n 
1 2 DG n 
1 3 DT n 
1 4 DA n 
1 5 DC n 
1 6 DG n 
# 
_pdbx_entity_src_syn.entity_id              1 
_pdbx_entity_src_syn.pdbx_src_id            1 
_pdbx_entity_src_syn.pdbx_alt_source_flag   sample 
_pdbx_entity_src_syn.pdbx_beg_seq_num       ? 
_pdbx_entity_src_syn.pdbx_end_seq_num       ? 
_pdbx_entity_src_syn.organism_scientific    ? 
_pdbx_entity_src_syn.organism_common_name   ? 
_pdbx_entity_src_syn.ncbi_taxonomy_id       ? 
_pdbx_entity_src_syn.details                'Synthetic hexanucleotide. The sequence is palindromic' 
# 
loop_
_chem_comp.id 
_chem_comp.type 
_chem_comp.mon_nstd_flag 
_chem_comp.name 
_chem_comp.pdbx_synonyms 
_chem_comp.formula 
_chem_comp.formula_weight 
5PM non-polymer   . "4,4'-sulfanediylbis{N-[(1E)-pyridin-2-ylmethylidene]aniline}" 
'1,1-Bis(N-(4-phenyl)-2-pyridylcarboxaldimine)thioether' 'C24 H18 N4 S'    394.492 
DA  'DNA linking' y "2'-DEOXYADENOSINE-5'-MONOPHOSPHATE"                           ? 'C10 H14 N5 O6 P' 331.222 
DC  'DNA linking' y "2'-DEOXYCYTIDINE-5'-MONOPHOSPHATE"                            ? 'C9 H14 N3 O7 P'  307.197 
DG  'DNA linking' y "2'-DEOXYGUANOSINE-5'-MONOPHOSPHATE"                           ? 'C10 H14 N5 O7 P' 347.221 
DT  'DNA linking' y "THYMIDINE-5'-MONOPHOSPHATE"                                   ? 'C10 H15 N2 O8 P' 322.208 
FE2 non-polymer   . 'FE (II) ION'                                                  ? 'Fe 2'            55.845  
# 
loop_
_pdbx_poly_seq_scheme.asym_id 
_pdbx_poly_seq_scheme.entity_id 
_pdbx_poly_seq_scheme.seq_id 
_pdbx_poly_seq_scheme.mon_id 
_pdbx_poly_seq_scheme.ndb_seq_num 
_pdbx_poly_seq_scheme.pdb_seq_num 
_pdbx_poly_seq_scheme.auth_seq_num 
_pdbx_poly_seq_scheme.pdb_mon_id 
_pdbx_poly_seq_scheme.auth_mon_id 
_pdbx_poly_seq_scheme.pdb_strand_id 
_pdbx_poly_seq_scheme.pdb_ins_code 
_pdbx_poly_seq_scheme.hetero 
A 1 1 DC 1 1 1 DC C C . n 
A 1 2 DG 2 2 2 DG G C . n 
A 1 3 DT 3 3 3 DT T C . n 
A 1 4 DA 4 4 4 DA A C . n 
A 1 5 DC 5 5 5 DC C C . n 
A 1 6 DG 6 6 6 DG G C . n 
# 
loop_
_pdbx_nonpoly_scheme.asym_id 
_pdbx_nonpoly_scheme.entity_id 
_pdbx_nonpoly_scheme.mon_id 
_pdbx_nonpoly_scheme.ndb_seq_num 
_pdbx_nonpoly_scheme.pdb_seq_num 
_pdbx_nonpoly_scheme.auth_seq_num 
_pdbx_nonpoly_scheme.pdb_mon_id 
_pdbx_nonpoly_scheme.auth_mon_id 
_pdbx_nonpoly_scheme.pdb_strand_id 
_pdbx_nonpoly_scheme.pdb_ins_code 
B 2 FE2 1 101 1 FE2 5PM C . 
C 2 FE2 1 102 1 FE2 5PM C . 
D 2 FE2 1 201 1 FE2 5PM C . 
E 2 FE2 1 202 1 FE2 5PM C . 
F 3 5PM 1 111 1 5PM 5PM C . 
G 3 5PM 1 211 1 5PM 5PM C . 
# 
loop_
_software.name 
_software.classification 
_software.version 
_software.citation_id 
_software.pdbx_ordinal 
ProDC     'data collection' . ? 1 
SHELXDE   phasing           . ? 2 
SHELXL-97 refinement        . ? 3 
MOSFLM    'data reduction'  . ? 4 
SCALA     'data scaling'    . ? 5 
# 
_cell.entry_id           3FX8 
_cell.length_a           49.249 
_cell.length_b           49.249 
_cell.length_c           49.249 
_cell.angle_alpha        90.00 
_cell.angle_beta         90.00 
_cell.angle_gamma        90.00 
_cell.Z_PDB              12 
_cell.pdbx_unique_axis   ? 
_cell.length_a_esd       ? 
_cell.length_b_esd       ? 
_cell.length_c_esd       ? 
_cell.angle_alpha_esd    ? 
_cell.angle_beta_esd     ? 
_cell.angle_gamma_esd    ? 
# 
_symmetry.entry_id                         3FX8 
_symmetry.space_group_name_H-M             'P 21 3' 
_symmetry.pdbx_full_space_group_name_H-M   ? 
_symmetry.cell_setting                     ? 
_symmetry.Int_Tables_number                198 
_symmetry.space_group_name_Hall            ? 
# 
_exptl.entry_id          3FX8 
_exptl.method            'X-RAY DIFFRACTION' 
_exptl.crystals_number   1 
# 
_exptl_crystal.id                    1 
_exptl_crystal.density_meas          ? 
_exptl_crystal.density_Matthews      5.50 
_exptl_crystal.density_percent_sol   77.64 
_exptl_crystal.description           ? 
_exptl_crystal.F_000                 ? 
_exptl_crystal.preparation           ? 
# 
_exptl_crystal_grow.crystal_id      1 
_exptl_crystal_grow.method          'VAPOR DIFFUSION, SITTING DROP' 
_exptl_crystal_grow.temp            293 
_exptl_crystal_grow.temp_details    ? 
_exptl_crystal_grow.pH              8.5 
_exptl_crystal_grow.pdbx_details    
;1 microliter of 10 mM cylinder, 1 microliter of 3 mM DNA, 2 microliters of crystallization buffer (10 mM Magnesium chloride, 5% v/v Isopropanol, 50 mM Tris-HCl), pH 8.5, VAPOR DIFFUSION, SITTING DROP, temperature 293K
;
_exptl_crystal_grow.pdbx_pH_range   ? 
# 
loop_
_exptl_crystal_grow_comp.crystal_id 
_exptl_crystal_grow_comp.id 
_exptl_crystal_grow_comp.sol_id 
_exptl_crystal_grow_comp.name 
_exptl_crystal_grow_comp.volume 
_exptl_crystal_grow_comp.conc 
_exptl_crystal_grow_comp.details 
1 1 1 'Magnesium chloride' ? ? ? 
1 2 1 Isopropanol          ? ? ? 
1 3 1 Tris-HCl             ? ? ? 
1 4 2 'Magnesium chloride' ? ? ? 
1 5 2 Isopropanol          ? ? ? 
1 6 2 Tris-HCl             ? ? ? 
# 
_diffrn.id                     1 
_diffrn.ambient_temp           100 
_diffrn.ambient_temp_details   ? 
_diffrn.crystal_id             1 
# 
_diffrn_detector.diffrn_id              1 
_diffrn_detector.detector               CCD 
_diffrn_detector.type                   'ADSC QUANTUM 315' 
_diffrn_detector.pdbx_collection_date   2006-02-23 
_diffrn_detector.details                ? 
# 
_diffrn_radiation.diffrn_id                        1 
_diffrn_radiation.wavelength_id                    1 
_diffrn_radiation.pdbx_monochromatic_or_laue_m_l   M 
_diffrn_radiation.monochromator                    'Si(111)' 
_diffrn_radiation.pdbx_diffrn_protocol             MAD 
_diffrn_radiation.pdbx_scattering_type             x-ray 
# 
loop_
_diffrn_radiation_wavelength.id 
_diffrn_radiation_wavelength.wavelength 
_diffrn_radiation_wavelength.wt 
1 1.7366 1.0 
2 1.7410 1.0 
3 1.7311 1.0 
# 
_diffrn_source.diffrn_id                   1 
_diffrn_source.source                      SYNCHROTRON 
_diffrn_source.type                        'ESRF BEAMLINE ID29' 
_diffrn_source.pdbx_synchrotron_site       ESRF 
_diffrn_source.pdbx_synchrotron_beamline   ID29 
_diffrn_source.pdbx_wavelength             ? 
_diffrn_source.pdbx_wavelength_list        '1.7366, 1.7410, 1.7311' 
# 
_reflns.entry_id                     3FX8 
_reflns.observed_criterion_sigma_I   -3 
_reflns.observed_criterion_sigma_F   0 
_reflns.d_resolution_low             24.63 
_reflns.d_resolution_high            2.44 
_reflns.number_obs                   1573 
_reflns.number_all                   1573 
_reflns.percent_possible_obs         99.4 
_reflns.pdbx_Rmerge_I_obs            0.041 
_reflns.pdbx_Rsym_value              ? 
_reflns.pdbx_netI_over_sigmaI        36.1 
_reflns.B_iso_Wilson_estimate        94 
_reflns.pdbx_redundancy              8.4 
_reflns.R_free_details               ? 
_reflns.limit_h_max                  ? 
_reflns.limit_h_min                  ? 
_reflns.limit_k_max                  ? 
_reflns.limit_k_min                  ? 
_reflns.limit_l_max                  ? 
_reflns.limit_l_min                  ? 
_reflns.observed_criterion_F_max     ? 
_reflns.observed_criterion_F_min     ? 
_reflns.pdbx_chi_squared             ? 
_reflns.pdbx_scaling_rejects         ? 
_reflns.pdbx_diffrn_id               1 
_reflns.pdbx_ordinal                 1 
# 
_reflns_shell.d_res_high             2.44 
_reflns_shell.d_res_low              2.58 
_reflns_shell.percent_possible_all   100 
_reflns_shell.Rmerge_I_obs           0.447 
_reflns_shell.pdbx_Rsym_value        ? 
_reflns_shell.meanI_over_sigI_obs    2.2 
_reflns_shell.pdbx_redundancy        5.1 
_reflns_shell.percent_possible_obs   ? 
_reflns_shell.number_unique_all      228 
_reflns_shell.number_measured_all    ? 
_reflns_shell.number_measured_obs    ? 
_reflns_shell.number_unique_obs      ? 
_reflns_shell.pdbx_chi_squared       ? 
_reflns_shell.pdbx_diffrn_id         ? 
_reflns_shell.pdbx_ordinal           1 
# 
_refine.entry_id                                 3FX8 
_refine.ls_number_reflns_obs                     1540 
_refine.ls_number_reflns_all                     1573 
_refine.pdbx_ls_sigma_I                          ? 
_refine.pdbx_ls_sigma_F                          ? 
_refine.pdbx_data_cutoff_high_absF               ? 
_refine.pdbx_data_cutoff_low_absF                ? 
_refine.pdbx_data_cutoff_high_rms_absF           ? 
_refine.ls_d_res_low                             24.63 
_refine.ls_d_res_high                            2.44 
_refine.ls_percent_reflns_obs                    98 
_refine.ls_R_factor_obs                          0.187 
_refine.ls_R_factor_all                          0.187 
_refine.ls_R_factor_R_work                       0.187 
_refine.ls_R_factor_R_free                       0.212 
_refine.ls_R_factor_R_free_error                 ? 
_refine.ls_R_factor_R_free_error_details         ? 
_refine.ls_percent_reflns_R_free                 ? 
_refine.ls_number_reflns_R_free                  74 
_refine.ls_number_parameters                     ? 
_refine.ls_number_restraints                     ? 
_refine.occupancy_min                            ? 
_refine.occupancy_max                            ? 
_refine.correlation_coeff_Fo_to_Fc               ? 
_refine.correlation_coeff_Fo_to_Fc_free          ? 
_refine.B_iso_mean                               79.4 
_refine.aniso_B[1][1]                            ? 
_refine.aniso_B[2][2]                            ? 
_refine.aniso_B[3][3]                            ? 
_refine.aniso_B[1][2]                            ? 
_refine.aniso_B[1][3]                            ? 
_refine.aniso_B[2][3]                            ? 
_refine.solvent_model_details                    'BABINET (SHELXL SWAT)' 
_refine.solvent_model_param_ksol                 ? 
_refine.solvent_model_param_bsol                 ? 
_refine.pdbx_solvent_vdw_probe_radii             ? 
_refine.pdbx_solvent_ion_probe_radii             ? 
_refine.pdbx_solvent_shrinkage_radii             ? 
_refine.pdbx_ls_cross_valid_method               ? 
_refine.details                                  ? 
_refine.pdbx_starting_model                      ? 
_refine.pdbx_method_to_determine_struct          MAD 
_refine.pdbx_isotropic_thermal_model             isotropic 
_refine.pdbx_stereochemistry_target_values       ? 
_refine.pdbx_stereochem_target_val_spec_case     ? 
_refine.pdbx_R_Free_selection_details            Random 
_refine.pdbx_overall_ESU_R_Free                  ? 
_refine.overall_SU_ML                            ? 
_refine.overall_SU_B                             ? 
_refine.ls_redundancy_reflns_obs                 ? 
_refine.B_iso_min                                ? 
_refine.B_iso_max                                ? 
_refine.overall_SU_R_Cruickshank_DPI             ? 
_refine.overall_SU_R_free                        ? 
_refine.ls_wR_factor_R_free                      ? 
_refine.ls_wR_factor_R_work                      ? 
_refine.overall_FOM_free_R_set                   ? 
_refine.overall_FOM_work_R_set                   ? 
_refine.pdbx_overall_phase_error                 ? 
_refine.pdbx_refine_id                           'X-RAY DIFFRACTION' 
_refine.pdbx_overall_ESU_R                       ? 
_refine.pdbx_diffrn_id                           1 
_refine.pdbx_TLS_residual_ADP_flag               ? 
_refine.pdbx_overall_SU_R_free_Cruickshank_DPI   ? 
_refine.pdbx_overall_SU_R_Blow_DPI               ? 
_refine.pdbx_overall_SU_R_free_Blow_DPI          ? 
# 
_refine_hist.pdbx_refine_id                   'X-RAY DIFFRACTION' 
_refine_hist.cycle_id                         LAST 
_refine_hist.pdbx_number_atoms_protein        0 
_refine_hist.pdbx_number_atoms_nucleic_acid   120 
_refine_hist.pdbx_number_atoms_ligand         62 
_refine_hist.number_atoms_solvent             0 
_refine_hist.number_atoms_total               182 
_refine_hist.d_res_high                       2.44 
_refine_hist.d_res_low                        24.63 
# 
loop_
_refine_ls_restr.type 
_refine_ls_restr.dev_ideal 
_refine_ls_restr.dev_ideal_target 
_refine_ls_restr.weight 
_refine_ls_restr.number 
_refine_ls_restr.pdbx_refine_id 
_refine_ls_restr.pdbx_restraint_function 
s_angle_d             0.021 ? ? ? 'X-RAY DIFFRACTION' ? 
s_anti_bump_dis_restr 0.005 ? ? ? 'X-RAY DIFFRACTION' ? 
s_non_zero_chiral_vol 0.006 ? ? ? 'X-RAY DIFFRACTION' ? 
s_bond_d              0.006 ? ? ? 'X-RAY DIFFRACTION' ? 
s_from_restr_planes   0.031 ? ? ? 'X-RAY DIFFRACTION' ? 
# 
_refine_ls_shell.pdbx_total_number_of_bins_used   ? 
_refine_ls_shell.d_res_high                       2.44 
_refine_ls_shell.d_res_low                        2.55 
_refine_ls_shell.number_reflns_R_work             ? 
_refine_ls_shell.R_factor_R_work                  0.358 
_refine_ls_shell.percent_reflns_obs               ? 
_refine_ls_shell.R_factor_R_free                  ? 
_refine_ls_shell.R_factor_R_free_error            ? 
_refine_ls_shell.percent_reflns_R_free            ? 
_refine_ls_shell.number_reflns_R_free             ? 
_refine_ls_shell.number_reflns_all                ? 
_refine_ls_shell.R_factor_all                     ? 
_refine_ls_shell.number_reflns_obs                165 
_refine_ls_shell.redundancy_reflns_obs            ? 
_refine_ls_shell.pdbx_refine_id                   'X-RAY DIFFRACTION' 
# 
_struct.entry_id                  3FX8 
_struct.title                     
;Distinct recognition of three-way DNA junctions by a thioester variant of a metallo-supramolecular cylinder ('helicate')
;
_struct.pdbx_model_details        ? 
_struct.pdbx_CASP_flag            ? 
_struct.pdbx_model_type_details   ? 
# 
_struct_keywords.entry_id        3FX8 
_struct_keywords.pdbx_keywords   DNA 
_struct_keywords.text            'Self-assembly, DNA-based nanomaterial, DNA' 
# 
loop_
_struct_asym.id 
_struct_asym.pdbx_blank_PDB_chainid_flag 
_struct_asym.pdbx_modified 
_struct_asym.entity_id 
_struct_asym.details 
A N N 1 ? 
B N N 2 ? 
C N N 2 ? 
D N N 2 ? 
E N N 2 ? 
F N N 3 ? 
G N N 3 ? 
# 
_struct_ref.id                         1 
_struct_ref.db_name                    PDB 
_struct_ref.db_code                    3FX8 
_struct_ref.pdbx_db_accession          3FX8 
_struct_ref.entity_id                  1 
_struct_ref.pdbx_seq_one_letter_code   CGTACG 
_struct_ref.pdbx_align_begin           1 
_struct_ref.pdbx_db_isoform            ? 
# 
_struct_ref_seq.align_id                      1 
_struct_ref_seq.ref_id                        1 
_struct_ref_seq.pdbx_PDB_id_code              3FX8 
_struct_ref_seq.pdbx_strand_id                C 
_struct_ref_seq.seq_align_beg                 1 
_struct_ref_seq.pdbx_seq_align_beg_ins_code   ? 
_struct_ref_seq.seq_align_end                 6 
_struct_ref_seq.pdbx_seq_align_end_ins_code   ? 
_struct_ref_seq.pdbx_db_accession             3FX8 
_struct_ref_seq.db_align_beg                  1 
_struct_ref_seq.pdbx_db_align_beg_ins_code    ? 
_struct_ref_seq.db_align_end                  6 
_struct_ref_seq.pdbx_db_align_end_ins_code    ? 
_struct_ref_seq.pdbx_auth_seq_align_beg       1 
_struct_ref_seq.pdbx_auth_seq_align_end       6 
# 
_pdbx_struct_assembly.id                   1 
_pdbx_struct_assembly.details              author_and_software_defined_assembly 
_pdbx_struct_assembly.method_details       PISA 
_pdbx_struct_assembly.oligomeric_details   trimeric 
_pdbx_struct_assembly.oligomeric_count     3 
# 
loop_
_pdbx_struct_assembly_prop.biol_id 
_pdbx_struct_assembly_prop.type 
_pdbx_struct_assembly_prop.value 
_pdbx_struct_assembly_prop.details 
1 'ABSA (A^2)' 4580  ? 
1 MORE         -68.9 ? 
1 'SSA (A^2)'  2430  ? 
# 
_pdbx_struct_assembly_gen.assembly_id       1 
_pdbx_struct_assembly_gen.oper_expression   1,2,3 
_pdbx_struct_assembly_gen.asym_id_list      A,B,C,D,E,F,G 
# 
loop_
_pdbx_struct_oper_list.id 
_pdbx_struct_oper_list.type 
_pdbx_struct_oper_list.name 
_pdbx_struct_oper_list.symmetry_operation 
_pdbx_struct_oper_list.matrix[1][1] 
_pdbx_struct_oper_list.matrix[1][2] 
_pdbx_struct_oper_list.matrix[1][3] 
_pdbx_struct_oper_list.vector[1] 
_pdbx_struct_oper_list.matrix[2][1] 
_pdbx_struct_oper_list.matrix[2][2] 
_pdbx_struct_oper_list.matrix[2][3] 
_pdbx_struct_oper_list.vector[2] 
_pdbx_struct_oper_list.matrix[3][1] 
_pdbx_struct_oper_list.matrix[3][2] 
_pdbx_struct_oper_list.matrix[3][3] 
_pdbx_struct_oper_list.vector[3] 
1 'identity operation'         1_555  x,y,z             1.0000000000 0.0000000000  0.0000000000  0.0000000000  0.0000000000  1.0000000000  0.0000000000  0.0000000000  0.0000000000  0.0000000000  1.0000000000  0.0000000000   
2 'crystal symmetry operation' 6_467  z-1/2,-x+3/2,-y+2 0.8745185135 -0.4687706431 -0.1243842989 -1.7449054882 -0.3287140182 -0.3843264426 -0.8626936187 -8.2388205495 0.3566012673  0.7953284037  -0.4901920709 -7.6373541138  
3 'crystal symmetry operation' 12_675 -y+3/2,-z+2,x+1/2 0.8745185135 -0.3287140182 0.3566012673  1.5412265018  -0.4687706431 -0.3843264426 0.7953284037  2.0898475955  -0.1243842989 -0.8626936187 -0.4901920709 -11.0683871891 
# 
loop_
_struct_biol.id 
_struct_biol.details 
1 ? 
2 
;A THREE-WAY JUNCTION (CHAINS A AND C) WITH DISCONTINUOUS DNA STRANDS CAN BE GENERATED THROUGH THE FOLLOWING TRANSFORMATIONS ON CHAIN C: [Z+1/2,-X+1/2,-Y+(0 1 1)], [Y+1/2,-Z+1/2,-X+(-1 1 1)], [-X, Y+1/2,-Z+1/2+(0 1 0)], [-Z,X+1/2,-Y+1/2+(0 1 1)], [Y,Z,X+(0 2 1)] AND THE FOLLOWING TRANSFORMATIONS ON CHAIN A: [-Z,X+1/2,-Y+1/2 +(0 1 1)], [Y+1/2,-Z+1/2,-X +(-1 1 1)]
;
# 
loop_
_struct_conn.id 
_struct_conn.conn_type_id 
_struct_conn.pdbx_leaving_atom_flag 
_struct_conn.pdbx_PDB_id 
_struct_conn.ptnr1_label_asym_id 
_struct_conn.ptnr1_label_comp_id 
_struct_conn.ptnr1_label_seq_id 
_struct_conn.ptnr1_label_atom_id 
_struct_conn.pdbx_ptnr1_label_alt_id 
_struct_conn.pdbx_ptnr1_PDB_ins_code 
_struct_conn.pdbx_ptnr1_standard_comp_id 
_struct_conn.ptnr1_symmetry 
_struct_conn.ptnr2_label_asym_id 
_struct_conn.ptnr2_label_comp_id 
_struct_conn.ptnr2_label_seq_id 
_struct_conn.ptnr2_label_atom_id 
_struct_conn.pdbx_ptnr2_label_alt_id 
_struct_conn.pdbx_ptnr2_PDB_ins_code 
_struct_conn.ptnr1_auth_asym_id 
_struct_conn.ptnr1_auth_comp_id 
_struct_conn.ptnr1_auth_seq_id 
_struct_conn.ptnr2_auth_asym_id 
_struct_conn.ptnr2_auth_comp_id 
_struct_conn.ptnr2_auth_seq_id 
_struct_conn.ptnr2_symmetry 
_struct_conn.pdbx_ptnr3_label_atom_id 
_struct_conn.pdbx_ptnr3_label_seq_id 
_struct_conn.pdbx_ptnr3_label_comp_id 
_struct_conn.pdbx_ptnr3_label_asym_id 
_struct_conn.pdbx_ptnr3_label_alt_id 
_struct_conn.pdbx_ptnr3_PDB_ins_code 
_struct_conn.details 
_struct_conn.pdbx_dist_value 
_struct_conn.pdbx_value_order 
_struct_conn.pdbx_role 
metalc1 metalc ? ? B FE2 . FE ? ? ? 1_555 F 5PM . N11 ? ? C FE2 101 C 5PM 111 1_555 ? ? ? ? ? ? ?            1.982 ? ? 
metalc2 metalc ? ? B FE2 . FE ? ? ? 1_555 F 5PM . N12 ? ? C FE2 101 C 5PM 111 1_555 ? ? ? ? ? ? ?            1.936 ? ? 
metalc3 metalc ? ? C FE2 . FE ? ? ? 1_555 F 5PM . N13 ? ? C FE2 102 C 5PM 111 1_555 ? ? ? ? ? ? ?            1.982 ? ? 
metalc4 metalc ? ? C FE2 . FE ? ? ? 1_555 F 5PM . N14 ? ? C FE2 102 C 5PM 111 1_555 ? ? ? ? ? ? ?            1.977 ? ? 
metalc5 metalc ? ? D FE2 . FE ? ? ? 1_555 G 5PM . N11 ? ? C FE2 201 C 5PM 211 1_555 ? ? ? ? ? ? ?            1.989 ? ? 
metalc6 metalc ? ? D FE2 . FE ? ? ? 1_555 G 5PM . N12 ? ? C FE2 201 C 5PM 211 1_555 ? ? ? ? ? ? ?            1.957 ? ? 
metalc7 metalc ? ? E FE2 . FE ? ? ? 1_555 G 5PM . N13 ? ? C FE2 202 C 5PM 211 1_555 ? ? ? ? ? ? ?            1.990 ? ? 
metalc8 metalc ? ? E FE2 . FE ? ? ? 1_555 G 5PM . N14 ? ? C FE2 202 C 5PM 211 1_555 ? ? ? ? ? ? ?            1.969 ? ? 
hydrog1 hydrog ? ? A DC  1 N3 ? ? ? 1_555 A DG  6 N1  ? ? C DC  1   C DG  6   6_467 ? ? ? ? ? ? WATSON-CRICK ?     ? ? 
hydrog2 hydrog ? ? A DC  1 N4 ? ? ? 1_555 A DG  6 O6  ? ? C DC  1   C DG  6   6_467 ? ? ? ? ? ? WATSON-CRICK ?     ? ? 
hydrog3 hydrog ? ? A DC  1 O2 ? ? ? 1_555 A DG  6 N2  ? ? C DC  1   C DG  6   6_467 ? ? ? ? ? ? WATSON-CRICK ?     ? ? 
hydrog4 hydrog ? ? A DG  2 N1 ? ? ? 1_555 A DC  5 N3  ? ? C DG  2   C DC  5   6_467 ? ? ? ? ? ? WATSON-CRICK ?     ? ? 
hydrog5 hydrog ? ? A DG  2 N2 ? ? ? 1_555 A DC  5 O2  ? ? C DG  2   C DC  5   6_467 ? ? ? ? ? ? WATSON-CRICK ?     ? ? 
hydrog6 hydrog ? ? A DG  2 O6 ? ? ? 1_555 A DC  5 N4  ? ? C DG  2   C DC  5   6_467 ? ? ? ? ? ? WATSON-CRICK ?     ? ? 
hydrog7 hydrog ? ? A DT  3 N3 ? ? ? 1_555 A DA  4 N1  ? ? C DT  3   C DA  4   6_467 ? ? ? ? ? ? WATSON-CRICK ?     ? ? 
hydrog8 hydrog ? ? A DT  3 O4 ? ? ? 1_555 A DA  4 N6  ? ? C DT  3   C DA  4   6_467 ? ? ? ? ? ? WATSON-CRICK ?     ? ? 
# 
loop_
_struct_conn_type.id 
_struct_conn_type.criteria 
_struct_conn_type.reference 
metalc ? ? 
hydrog ? ? 
# 
loop_
_pdbx_struct_conn_angle.id 
_pdbx_struct_conn_angle.ptnr1_label_atom_id 
_pdbx_struct_conn_angle.ptnr1_label_alt_id 
_pdbx_struct_conn_angle.ptnr1_label_asym_id 
_pdbx_struct_conn_angle.ptnr1_label_comp_id 
_pdbx_struct_conn_angle.ptnr1_label_seq_id 
_pdbx_struct_conn_angle.ptnr1_auth_atom_id 
_pdbx_struct_conn_angle.ptnr1_auth_asym_id 
_pdbx_struct_conn_angle.ptnr1_auth_comp_id 
_pdbx_struct_conn_angle.ptnr1_auth_seq_id 
_pdbx_struct_conn_angle.ptnr1_PDB_ins_code 
_pdbx_struct_conn_angle.ptnr1_symmetry 
_pdbx_struct_conn_angle.ptnr2_label_atom_id 
_pdbx_struct_conn_angle.ptnr2_label_alt_id 
_pdbx_struct_conn_angle.ptnr2_label_asym_id 
_pdbx_struct_conn_angle.ptnr2_label_comp_id 
_pdbx_struct_conn_angle.ptnr2_label_seq_id 
_pdbx_struct_conn_angle.ptnr2_auth_atom_id 
_pdbx_struct_conn_angle.ptnr2_auth_asym_id 
_pdbx_struct_conn_angle.ptnr2_auth_comp_id 
_pdbx_struct_conn_angle.ptnr2_auth_seq_id 
_pdbx_struct_conn_angle.ptnr2_PDB_ins_code 
_pdbx_struct_conn_angle.ptnr2_symmetry 
_pdbx_struct_conn_angle.ptnr3_label_atom_id 
_pdbx_struct_conn_angle.ptnr3_label_alt_id 
_pdbx_struct_conn_angle.ptnr3_label_asym_id 
_pdbx_struct_conn_angle.ptnr3_label_comp_id 
_pdbx_struct_conn_angle.ptnr3_label_seq_id 
_pdbx_struct_conn_angle.ptnr3_auth_atom_id 
_pdbx_struct_conn_angle.ptnr3_auth_asym_id 
_pdbx_struct_conn_angle.ptnr3_auth_comp_id 
_pdbx_struct_conn_angle.ptnr3_auth_seq_id 
_pdbx_struct_conn_angle.ptnr3_PDB_ins_code 
_pdbx_struct_conn_angle.ptnr3_symmetry 
_pdbx_struct_conn_angle.value 
_pdbx_struct_conn_angle.value_esd 
1 N11 ? F 5PM . ? C 5PM 111 ? 1_555 FE ? B FE2 . ? C FE2 101 ? 1_555 N12 ? F 5PM . ? C 5PM 111 ? 1_555 81.7 ? 
2 N13 ? F 5PM . ? C 5PM 111 ? 1_555 FE ? C FE2 . ? C FE2 102 ? 1_555 N14 ? F 5PM . ? C 5PM 111 ? 1_555 80.9 ? 
3 N11 ? G 5PM . ? C 5PM 211 ? 1_555 FE ? D FE2 . ? C FE2 201 ? 1_555 N12 ? G 5PM . ? C 5PM 211 ? 1_555 81.1 ? 
4 N13 ? G 5PM . ? C 5PM 211 ? 1_555 FE ? E FE2 . ? C FE2 202 ? 1_555 N14 ? G 5PM . ? C 5PM 211 ? 1_555 81.1 ? 
# 
loop_
_struct_site.id 
_struct_site.pdbx_evidence_code 
_struct_site.pdbx_auth_asym_id 
_struct_site.pdbx_auth_comp_id 
_struct_site.pdbx_auth_seq_id 
_struct_site.pdbx_auth_ins_code 
_struct_site.pdbx_num_residues 
_struct_site.details 
AC1 Software C FE2 101 ? 3  'BINDING SITE FOR RESIDUE FE2 C 101' 
AC2 Software C FE2 102 ? 3  'BINDING SITE FOR RESIDUE FE2 C 102' 
AC3 Software C FE2 201 ? 3  'BINDING SITE FOR RESIDUE FE2 C 201' 
AC4 Software C FE2 202 ? 3  'BINDING SITE FOR RESIDUE FE2 C 202' 
AC5 Software C 5PM 111 ? 8  'BINDING SITE FOR RESIDUE 5PM C 111' 
AC6 Software C 5PM 211 ? 10 'BINDING SITE FOR RESIDUE 5PM C 211' 
# 
loop_
_struct_site_gen.id 
_struct_site_gen.site_id 
_struct_site_gen.pdbx_num_res 
_struct_site_gen.label_comp_id 
_struct_site_gen.label_asym_id 
_struct_site_gen.label_seq_id 
_struct_site_gen.pdbx_auth_ins_code 
_struct_site_gen.auth_comp_id 
_struct_site_gen.auth_asym_id 
_struct_site_gen.auth_seq_id 
_struct_site_gen.label_atom_id 
_struct_site_gen.label_alt_id 
_struct_site_gen.symmetry 
_struct_site_gen.details 
1  AC1 3  5PM F . ? 5PM C 111 . ? 8_667  ? 
2  AC1 3  5PM F . ? 5PM C 111 . ? 11_376 ? 
3  AC1 3  5PM F . ? 5PM C 111 . ? 1_555  ? 
4  AC2 3  5PM F . ? 5PM C 111 . ? 1_555  ? 
5  AC2 3  5PM F . ? 5PM C 111 . ? 8_667  ? 
6  AC2 3  5PM F . ? 5PM C 111 . ? 11_376 ? 
7  AC3 3  5PM G . ? 5PM C 211 . ? 1_555  ? 
8  AC3 3  5PM G . ? 5PM C 211 . ? 6_467  ? 
9  AC3 3  5PM G . ? 5PM C 211 . ? 12_675 ? 
10 AC4 3  5PM G . ? 5PM C 211 . ? 12_675 ? 
11 AC4 3  5PM G . ? 5PM C 211 . ? 1_555  ? 
12 AC4 3  5PM G . ? 5PM C 211 . ? 6_467  ? 
13 AC5 8  DC  A 1 ? DC  C 1   . ? 11_376 ? 
14 AC5 8  DG  A 6 ? DG  C 6   . ? 6_467  ? 
15 AC5 8  FE2 B . ? FE2 C 101 . ? 11_376 ? 
16 AC5 8  FE2 B . ? FE2 C 101 . ? 8_667  ? 
17 AC5 8  FE2 B . ? FE2 C 101 . ? 1_555  ? 
18 AC5 8  FE2 C . ? FE2 C 102 . ? 11_376 ? 
19 AC5 8  FE2 C . ? FE2 C 102 . ? 8_667  ? 
20 AC5 8  FE2 C . ? FE2 C 102 . ? 1_555  ? 
21 AC6 10 DT  A 3 ? DT  C 3   . ? 1_555  ? 
22 AC6 10 DA  A 4 ? DA  C 4   . ? 1_555  ? 
23 AC6 10 DA  A 4 ? DA  C 4   . ? 12_675 ? 
24 AC6 10 DC  A 5 ? DC  C 5   . ? 1_555  ? 
25 AC6 10 FE2 D . ? FE2 C 201 . ? 1_555  ? 
26 AC6 10 FE2 D . ? FE2 C 201 . ? 12_675 ? 
27 AC6 10 FE2 D . ? FE2 C 201 . ? 6_467  ? 
28 AC6 10 FE2 E . ? FE2 C 202 . ? 12_675 ? 
29 AC6 10 FE2 E . ? FE2 C 202 . ? 6_467  ? 
30 AC6 10 FE2 E . ? FE2 C 202 . ? 1_555  ? 
# 
loop_
_pdbx_validate_rmsd_angle.id 
_pdbx_validate_rmsd_angle.PDB_model_num 
_pdbx_validate_rmsd_angle.auth_atom_id_1 
_pdbx_validate_rmsd_angle.auth_asym_id_1 
_pdbx_validate_rmsd_angle.auth_comp_id_1 
_pdbx_validate_rmsd_angle.auth_seq_id_1 
_pdbx_validate_rmsd_angle.PDB_ins_code_1 
_pdbx_validate_rmsd_angle.label_alt_id_1 
_pdbx_validate_rmsd_angle.auth_atom_id_2 
_pdbx_validate_rmsd_angle.auth_asym_id_2 
_pdbx_validate_rmsd_angle.auth_comp_id_2 
_pdbx_validate_rmsd_angle.auth_seq_id_2 
_pdbx_validate_rmsd_angle.PDB_ins_code_2 
_pdbx_validate_rmsd_angle.label_alt_id_2 
_pdbx_validate_rmsd_angle.auth_atom_id_3 
_pdbx_validate_rmsd_angle.auth_asym_id_3 
_pdbx_validate_rmsd_angle.auth_comp_id_3 
_pdbx_validate_rmsd_angle.auth_seq_id_3 
_pdbx_validate_rmsd_angle.PDB_ins_code_3 
_pdbx_validate_rmsd_angle.label_alt_id_3 
_pdbx_validate_rmsd_angle.angle_value 
_pdbx_validate_rmsd_angle.angle_target_value 
_pdbx_validate_rmsd_angle.angle_deviation 
_pdbx_validate_rmsd_angle.angle_standard_deviation 
_pdbx_validate_rmsd_angle.linker_flag 
1 1 "O4'" C DG 2 ? ? "C4'" C DG 2 ? ? "C3'" C DG 2 ? ? 99.41  104.50 -5.09 0.40 N 
2 1 "O4'" C DG 2 ? ? "C1'" C DG 2 ? ? N9    C DG 2 ? ? 112.61 108.30 4.31  0.30 N 
3 1 "O4'" C DC 5 ? ? "C4'" C DC 5 ? ? "C3'" C DC 5 ? ? 102.03 104.50 -2.47 0.40 N 
4 1 "C3'" C DC 5 ? ? "O3'" C DC 5 ? ? P     C DG 6 ? ? 128.58 119.70 8.88  1.20 Y 
5 1 "C3'" C DG 6 ? ? "C2'" C DG 6 ? ? "C1'" C DG 6 ? ? 97.04  102.40 -5.36 0.80 N 
6 1 "O4'" C DG 6 ? ? "C1'" C DG 6 ? ? N9    C DG 6 ? ? 110.25 108.30 1.95  0.30 N 
# 
loop_
_pdbx_struct_special_symmetry.id 
_pdbx_struct_special_symmetry.PDB_model_num 
_pdbx_struct_special_symmetry.auth_asym_id 
_pdbx_struct_special_symmetry.auth_comp_id 
_pdbx_struct_special_symmetry.auth_seq_id 
_pdbx_struct_special_symmetry.PDB_ins_code 
_pdbx_struct_special_symmetry.label_asym_id 
_pdbx_struct_special_symmetry.label_comp_id 
_pdbx_struct_special_symmetry.label_seq_id 
1 1 C FE2 101 ? B FE2 . 
2 1 C FE2 102 ? C FE2 . 
3 1 C FE2 201 ? D FE2 . 
4 1 C FE2 202 ? E FE2 . 
# 
_pdbx_entry_details.entry_id                 3FX8 
_pdbx_entry_details.nonpolymer_details       
;LIGAND 5PM C 111 WITH TWO IRON ATOMS FE2 C 101 AND C 102
IS THE M HELICAL ENANTIOMER OF [FE2L3], WHERE L IS
4,4'-SULFANEDIYLBIS{N-[(1E)-PYRIDIN-2-YLMETHYLIDENE]ANILINE}
;
_pdbx_entry_details.sequence_details         ? 
_pdbx_entry_details.compound_details         ? 
_pdbx_entry_details.source_details           ? 
_pdbx_entry_details.has_ligand_of_interest   ? 
# 
loop_
_chem_comp_atom.comp_id 
_chem_comp_atom.atom_id 
_chem_comp_atom.type_symbol 
_chem_comp_atom.pdbx_aromatic_flag 
_chem_comp_atom.pdbx_stereo_config 
_chem_comp_atom.pdbx_ordinal 
5PM N11    N  Y N 1   
5PM N12    N  N N 2   
5PM N13    N  N N 3   
5PM N14    N  Y N 4   
5PM C1A    C  Y N 5   
5PM C1B    C  Y N 6   
5PM C1C    C  Y N 7   
5PM C1D    C  Y N 8   
5PM C1E    C  Y N 9   
5PM C1F    C  N N 10  
5PM C1G    C  Y N 11  
5PM C1H    C  Y N 12  
5PM C1I    C  Y N 13  
5PM C1J    C  Y N 14  
5PM C1K    C  Y N 15  
5PM C1L    C  Y N 16  
5PM S1M    S  N N 17  
5PM C1N    C  Y N 18  
5PM C1O    C  Y N 19  
5PM C1P    C  Y N 20  
5PM C1Q    C  Y N 21  
5PM C1R    C  Y N 22  
5PM C1S    C  Y N 23  
5PM C1T    C  N N 24  
5PM C1U    C  Y N 25  
5PM C1V    C  Y N 26  
5PM C1W    C  Y N 27  
5PM C1X    C  Y N 28  
5PM C1Y    C  Y N 29  
5PM H1A    H  N N 30  
5PM H1B    H  N N 31  
5PM H1C    H  N N 32  
5PM H1D    H  N N 33  
5PM H1F    H  N N 34  
5PM H1H    H  N N 35  
5PM H1I    H  N N 36  
5PM H1K    H  N N 37  
5PM H1L    H  N N 38  
5PM H1O    H  N N 39  
5PM H1P    H  N N 40  
5PM H1R    H  N N 41  
5PM H1S    H  N N 42  
5PM H1T    H  N N 43  
5PM H1V    H  N N 44  
5PM H1W    H  N N 45  
5PM H1X    H  N N 46  
5PM H1Y    H  N N 47  
DA  OP3    O  N N 48  
DA  P      P  N N 49  
DA  OP1    O  N N 50  
DA  OP2    O  N N 51  
DA  "O5'"  O  N N 52  
DA  "C5'"  C  N N 53  
DA  "C4'"  C  N R 54  
DA  "O4'"  O  N N 55  
DA  "C3'"  C  N S 56  
DA  "O3'"  O  N N 57  
DA  "C2'"  C  N N 58  
DA  "C1'"  C  N R 59  
DA  N9     N  Y N 60  
DA  C8     C  Y N 61  
DA  N7     N  Y N 62  
DA  C5     C  Y N 63  
DA  C6     C  Y N 64  
DA  N6     N  N N 65  
DA  N1     N  Y N 66  
DA  C2     C  Y N 67  
DA  N3     N  Y N 68  
DA  C4     C  Y N 69  
DA  HOP3   H  N N 70  
DA  HOP2   H  N N 71  
DA  "H5'"  H  N N 72  
DA  "H5''" H  N N 73  
DA  "H4'"  H  N N 74  
DA  "H3'"  H  N N 75  
DA  "HO3'" H  N N 76  
DA  "H2'"  H  N N 77  
DA  "H2''" H  N N 78  
DA  "H1'"  H  N N 79  
DA  H8     H  N N 80  
DA  H61    H  N N 81  
DA  H62    H  N N 82  
DA  H2     H  N N 83  
DC  OP3    O  N N 84  
DC  P      P  N N 85  
DC  OP1    O  N N 86  
DC  OP2    O  N N 87  
DC  "O5'"  O  N N 88  
DC  "C5'"  C  N N 89  
DC  "C4'"  C  N R 90  
DC  "O4'"  O  N N 91  
DC  "C3'"  C  N S 92  
DC  "O3'"  O  N N 93  
DC  "C2'"  C  N N 94  
DC  "C1'"  C  N R 95  
DC  N1     N  N N 96  
DC  C2     C  N N 97  
DC  O2     O  N N 98  
DC  N3     N  N N 99  
DC  C4     C  N N 100 
DC  N4     N  N N 101 
DC  C5     C  N N 102 
DC  C6     C  N N 103 
DC  HOP3   H  N N 104 
DC  HOP2   H  N N 105 
DC  "H5'"  H  N N 106 
DC  "H5''" H  N N 107 
DC  "H4'"  H  N N 108 
DC  "H3'"  H  N N 109 
DC  "HO3'" H  N N 110 
DC  "H2'"  H  N N 111 
DC  "H2''" H  N N 112 
DC  "H1'"  H  N N 113 
DC  H41    H  N N 114 
DC  H42    H  N N 115 
DC  H5     H  N N 116 
DC  H6     H  N N 117 
DG  OP3    O  N N 118 
DG  P      P  N N 119 
DG  OP1    O  N N 120 
DG  OP2    O  N N 121 
DG  "O5'"  O  N N 122 
DG  "C5'"  C  N N 123 
DG  "C4'"  C  N R 124 
DG  "O4'"  O  N N 125 
DG  "C3'"  C  N S 126 
DG  "O3'"  O  N N 127 
DG  "C2'"  C  N N 128 
DG  "C1'"  C  N R 129 
DG  N9     N  Y N 130 
DG  C8     C  Y N 131 
DG  N7     N  Y N 132 
DG  C5     C  Y N 133 
DG  C6     C  N N 134 
DG  O6     O  N N 135 
DG  N1     N  N N 136 
DG  C2     C  N N 137 
DG  N2     N  N N 138 
DG  N3     N  N N 139 
DG  C4     C  Y N 140 
DG  HOP3   H  N N 141 
DG  HOP2   H  N N 142 
DG  "H5'"  H  N N 143 
DG  "H5''" H  N N 144 
DG  "H4'"  H  N N 145 
DG  "H3'"  H  N N 146 
DG  "HO3'" H  N N 147 
DG  "H2'"  H  N N 148 
DG  "H2''" H  N N 149 
DG  "H1'"  H  N N 150 
DG  H8     H  N N 151 
DG  H1     H  N N 152 
DG  H21    H  N N 153 
DG  H22    H  N N 154 
DT  OP3    O  N N 155 
DT  P      P  N N 156 
DT  OP1    O  N N 157 
DT  OP2    O  N N 158 
DT  "O5'"  O  N N 159 
DT  "C5'"  C  N N 160 
DT  "C4'"  C  N R 161 
DT  "O4'"  O  N N 162 
DT  "C3'"  C  N S 163 
DT  "O3'"  O  N N 164 
DT  "C2'"  C  N N 165 
DT  "C1'"  C  N R 166 
DT  N1     N  N N 167 
DT  C2     C  N N 168 
DT  O2     O  N N 169 
DT  N3     N  N N 170 
DT  C4     C  N N 171 
DT  O4     O  N N 172 
DT  C5     C  N N 173 
DT  C7     C  N N 174 
DT  C6     C  N N 175 
DT  HOP3   H  N N 176 
DT  HOP2   H  N N 177 
DT  "H5'"  H  N N 178 
DT  "H5''" H  N N 179 
DT  "H4'"  H  N N 180 
DT  "H3'"  H  N N 181 
DT  "HO3'" H  N N 182 
DT  "H2'"  H  N N 183 
DT  "H2''" H  N N 184 
DT  "H1'"  H  N N 185 
DT  H3     H  N N 186 
DT  H71    H  N N 187 
DT  H72    H  N N 188 
DT  H73    H  N N 189 
DT  H6     H  N N 190 
FE2 FE     FE N N 191 
# 
loop_
_chem_comp_bond.comp_id 
_chem_comp_bond.atom_id_1 
_chem_comp_bond.atom_id_2 
_chem_comp_bond.value_order 
_chem_comp_bond.pdbx_aromatic_flag 
_chem_comp_bond.pdbx_stereo_config 
_chem_comp_bond.pdbx_ordinal 
5PM C1A   N11    doub Y N 1   
5PM N11   C1E    sing Y N 2   
5PM C1F   N12    doub N N 3   
5PM N12   C1G    sing N N 4   
5PM C1Q   N13    sing N N 5   
5PM N13   C1T    doub N N 6   
5PM N14   C1Y    doub Y N 7   
5PM N14   C1U    sing Y N 8   
5PM C1B   C1A    sing Y N 9   
5PM C1A   H1A    sing N N 10  
5PM C1B   C1C    doub Y N 11  
5PM C1B   H1B    sing N N 12  
5PM C1C   C1D    sing Y N 13  
5PM C1C   H1C    sing N N 14  
5PM C1D   C1E    doub Y N 15  
5PM C1D   H1D    sing N N 16  
5PM C1E   C1F    sing N N 17  
5PM C1F   H1F    sing N N 18  
5PM C1G   C1L    doub Y N 19  
5PM C1G   C1H    sing Y N 20  
5PM C1H   C1I    doub Y N 21  
5PM C1H   H1H    sing N N 22  
5PM C1I   C1J    sing Y N 23  
5PM C1I   H1I    sing N N 24  
5PM C1K   C1J    doub Y N 25  
5PM C1J   S1M    sing N N 26  
5PM C1L   C1K    sing Y N 27  
5PM C1K   H1K    sing N N 28  
5PM C1L   H1L    sing N N 29  
5PM S1M   C1N    sing N N 30  
5PM C1S   C1N    doub Y N 31  
5PM C1N   C1O    sing Y N 32  
5PM C1O   C1P    doub Y N 33  
5PM C1O   H1O    sing N N 34  
5PM C1Q   C1P    sing Y N 35  
5PM C1P   H1P    sing N N 36  
5PM C1R   C1Q    doub Y N 37  
5PM C1S   C1R    sing Y N 38  
5PM C1R   H1R    sing N N 39  
5PM C1S   H1S    sing N N 40  
5PM C1T   C1U    sing N N 41  
5PM C1T   H1T    sing N N 42  
5PM C1U   C1V    doub Y N 43  
5PM C1V   C1W    sing Y N 44  
5PM C1V   H1V    sing N N 45  
5PM C1X   C1W    doub Y N 46  
5PM C1W   H1W    sing N N 47  
5PM C1Y   C1X    sing Y N 48  
5PM C1X   H1X    sing N N 49  
5PM C1Y   H1Y    sing N N 50  
DA  OP3   P      sing N N 51  
DA  OP3   HOP3   sing N N 52  
DA  P     OP1    doub N N 53  
DA  P     OP2    sing N N 54  
DA  P     "O5'"  sing N N 55  
DA  OP2   HOP2   sing N N 56  
DA  "O5'" "C5'"  sing N N 57  
DA  "C5'" "C4'"  sing N N 58  
DA  "C5'" "H5'"  sing N N 59  
DA  "C5'" "H5''" sing N N 60  
DA  "C4'" "O4'"  sing N N 61  
DA  "C4'" "C3'"  sing N N 62  
DA  "C4'" "H4'"  sing N N 63  
DA  "O4'" "C1'"  sing N N 64  
DA  "C3'" "O3'"  sing N N 65  
DA  "C3'" "C2'"  sing N N 66  
DA  "C3'" "H3'"  sing N N 67  
DA  "O3'" "HO3'" sing N N 68  
DA  "C2'" "C1'"  sing N N 69  
DA  "C2'" "H2'"  sing N N 70  
DA  "C2'" "H2''" sing N N 71  
DA  "C1'" N9     sing N N 72  
DA  "C1'" "H1'"  sing N N 73  
DA  N9    C8     sing Y N 74  
DA  N9    C4     sing Y N 75  
DA  C8    N7     doub Y N 76  
DA  C8    H8     sing N N 77  
DA  N7    C5     sing Y N 78  
DA  C5    C6     sing Y N 79  
DA  C5    C4     doub Y N 80  
DA  C6    N6     sing N N 81  
DA  C6    N1     doub Y N 82  
DA  N6    H61    sing N N 83  
DA  N6    H62    sing N N 84  
DA  N1    C2     sing Y N 85  
DA  C2    N3     doub Y N 86  
DA  C2    H2     sing N N 87  
DA  N3    C4     sing Y N 88  
DC  OP3   P      sing N N 89  
DC  OP3   HOP3   sing N N 90  
DC  P     OP1    doub N N 91  
DC  P     OP2    sing N N 92  
DC  P     "O5'"  sing N N 93  
DC  OP2   HOP2   sing N N 94  
DC  "O5'" "C5'"  sing N N 95  
DC  "C5'" "C4'"  sing N N 96  
DC  "C5'" "H5'"  sing N N 97  
DC  "C5'" "H5''" sing N N 98  
DC  "C4'" "O4'"  sing N N 99  
DC  "C4'" "C3'"  sing N N 100 
DC  "C4'" "H4'"  sing N N 101 
DC  "O4'" "C1'"  sing N N 102 
DC  "C3'" "O3'"  sing N N 103 
DC  "C3'" "C2'"  sing N N 104 
DC  "C3'" "H3'"  sing N N 105 
DC  "O3'" "HO3'" sing N N 106 
DC  "C2'" "C1'"  sing N N 107 
DC  "C2'" "H2'"  sing N N 108 
DC  "C2'" "H2''" sing N N 109 
DC  "C1'" N1     sing N N 110 
DC  "C1'" "H1'"  sing N N 111 
DC  N1    C2     sing N N 112 
DC  N1    C6     sing N N 113 
DC  C2    O2     doub N N 114 
DC  C2    N3     sing N N 115 
DC  N3    C4     doub N N 116 
DC  C4    N4     sing N N 117 
DC  C4    C5     sing N N 118 
DC  N4    H41    sing N N 119 
DC  N4    H42    sing N N 120 
DC  C5    C6     doub N N 121 
DC  C5    H5     sing N N 122 
DC  C6    H6     sing N N 123 
DG  OP3   P      sing N N 124 
DG  OP3   HOP3   sing N N 125 
DG  P     OP1    doub N N 126 
DG  P     OP2    sing N N 127 
DG  P     "O5'"  sing N N 128 
DG  OP2   HOP2   sing N N 129 
DG  "O5'" "C5'"  sing N N 130 
DG  "C5'" "C4'"  sing N N 131 
DG  "C5'" "H5'"  sing N N 132 
DG  "C5'" "H5''" sing N N 133 
DG  "C4'" "O4'"  sing N N 134 
DG  "C4'" "C3'"  sing N N 135 
DG  "C4'" "H4'"  sing N N 136 
DG  "O4'" "C1'"  sing N N 137 
DG  "C3'" "O3'"  sing N N 138 
DG  "C3'" "C2'"  sing N N 139 
DG  "C3'" "H3'"  sing N N 140 
DG  "O3'" "HO3'" sing N N 141 
DG  "C2'" "C1'"  sing N N 142 
DG  "C2'" "H2'"  sing N N 143 
DG  "C2'" "H2''" sing N N 144 
DG  "C1'" N9     sing N N 145 
DG  "C1'" "H1'"  sing N N 146 
DG  N9    C8     sing Y N 147 
DG  N9    C4     sing Y N 148 
DG  C8    N7     doub Y N 149 
DG  C8    H8     sing N N 150 
DG  N7    C5     sing Y N 151 
DG  C5    C6     sing N N 152 
DG  C5    C4     doub Y N 153 
DG  C6    O6     doub N N 154 
DG  C6    N1     sing N N 155 
DG  N1    C2     sing N N 156 
DG  N1    H1     sing N N 157 
DG  C2    N2     sing N N 158 
DG  C2    N3     doub N N 159 
DG  N2    H21    sing N N 160 
DG  N2    H22    sing N N 161 
DG  N3    C4     sing N N 162 
DT  OP3   P      sing N N 163 
DT  OP3   HOP3   sing N N 164 
DT  P     OP1    doub N N 165 
DT  P     OP2    sing N N 166 
DT  P     "O5'"  sing N N 167 
DT  OP2   HOP2   sing N N 168 
DT  "O5'" "C5'"  sing N N 169 
DT  "C5'" "C4'"  sing N N 170 
DT  "C5'" "H5'"  sing N N 171 
DT  "C5'" "H5''" sing N N 172 
DT  "C4'" "O4'"  sing N N 173 
DT  "C4'" "C3'"  sing N N 174 
DT  "C4'" "H4'"  sing N N 175 
DT  "O4'" "C1'"  sing N N 176 
DT  "C3'" "O3'"  sing N N 177 
DT  "C3'" "C2'"  sing N N 178 
DT  "C3'" "H3'"  sing N N 179 
DT  "O3'" "HO3'" sing N N 180 
DT  "C2'" "C1'"  sing N N 181 
DT  "C2'" "H2'"  sing N N 182 
DT  "C2'" "H2''" sing N N 183 
DT  "C1'" N1     sing N N 184 
DT  "C1'" "H1'"  sing N N 185 
DT  N1    C2     sing N N 186 
DT  N1    C6     sing N N 187 
DT  C2    O2     doub N N 188 
DT  C2    N3     sing N N 189 
DT  N3    C4     sing N N 190 
DT  N3    H3     sing N N 191 
DT  C4    O4     doub N N 192 
DT  C4    C5     sing N N 193 
DT  C5    C7     sing N N 194 
DT  C5    C6     doub N N 195 
DT  C7    H71    sing N N 196 
DT  C7    H72    sing N N 197 
DT  C7    H73    sing N N 198 
DT  C6    H6     sing N N 199 
# 
_ndb_struct_conf_na.entry_id   3FX8 
_ndb_struct_conf_na.feature    'b-form double helix' 
# 
loop_
_ndb_struct_na_base_pair.model_number 
_ndb_struct_na_base_pair.i_label_asym_id 
_ndb_struct_na_base_pair.i_label_comp_id 
_ndb_struct_na_base_pair.i_label_seq_id 
_ndb_struct_na_base_pair.i_symmetry 
_ndb_struct_na_base_pair.j_label_asym_id 
_ndb_struct_na_base_pair.j_label_comp_id 
_ndb_struct_na_base_pair.j_label_seq_id 
_ndb_struct_na_base_pair.j_symmetry 
_ndb_struct_na_base_pair.shear 
_ndb_struct_na_base_pair.stretch 
_ndb_struct_na_base_pair.stagger 
_ndb_struct_na_base_pair.buckle 
_ndb_struct_na_base_pair.propeller 
_ndb_struct_na_base_pair.opening 
_ndb_struct_na_base_pair.pair_number 
_ndb_struct_na_base_pair.pair_name 
_ndb_struct_na_base_pair.i_auth_asym_id 
_ndb_struct_na_base_pair.i_auth_seq_id 
_ndb_struct_na_base_pair.i_PDB_ins_code 
_ndb_struct_na_base_pair.j_auth_asym_id 
_ndb_struct_na_base_pair.j_auth_seq_id 
_ndb_struct_na_base_pair.j_PDB_ins_code 
_ndb_struct_na_base_pair.hbond_type_28 
_ndb_struct_na_base_pair.hbond_type_12 
1 A DC 1 1_555 A DG 6 6_467 0.155  -0.201 0.598 -6.488 -0.020  -8.368 1 C_DC1:DG6_C C 1 ? C 6 ? 19 1 
1 A DG 2 1_555 A DC 5 6_467 -0.098 -0.134 0.724 6.535  -18.819 2.276  2 C_DG2:DC5_C C 2 ? C 5 ? 19 1 
1 A DT 3 1_555 A DA 4 6_467 -0.011 0.030  0.080 4.765  -16.856 -4.041 3 C_DT3:DA4_C C 3 ? C 4 ? 20 1 
# 
loop_
_ndb_struct_na_base_pair_step.model_number 
_ndb_struct_na_base_pair_step.i_label_asym_id_1 
_ndb_struct_na_base_pair_step.i_label_comp_id_1 
_ndb_struct_na_base_pair_step.i_label_seq_id_1 
_ndb_struct_na_base_pair_step.i_symmetry_1 
_ndb_struct_na_base_pair_step.j_label_asym_id_1 
_ndb_struct_na_base_pair_step.j_label_comp_id_1 
_ndb_struct_na_base_pair_step.j_label_seq_id_1 
_ndb_struct_na_base_pair_step.j_symmetry_1 
_ndb_struct_na_base_pair_step.i_label_asym_id_2 
_ndb_struct_na_base_pair_step.i_label_comp_id_2 
_ndb_struct_na_base_pair_step.i_label_seq_id_2 
_ndb_struct_na_base_pair_step.i_symmetry_2 
_ndb_struct_na_base_pair_step.j_label_asym_id_2 
_ndb_struct_na_base_pair_step.j_label_comp_id_2 
_ndb_struct_na_base_pair_step.j_label_seq_id_2 
_ndb_struct_na_base_pair_step.j_symmetry_2 
_ndb_struct_na_base_pair_step.shift 
_ndb_struct_na_base_pair_step.slide 
_ndb_struct_na_base_pair_step.rise 
_ndb_struct_na_base_pair_step.tilt 
_ndb_struct_na_base_pair_step.roll 
_ndb_struct_na_base_pair_step.twist 
_ndb_struct_na_base_pair_step.x_displacement 
_ndb_struct_na_base_pair_step.y_displacement 
_ndb_struct_na_base_pair_step.helical_rise 
_ndb_struct_na_base_pair_step.inclination 
_ndb_struct_na_base_pair_step.tip 
_ndb_struct_na_base_pair_step.helical_twist 
_ndb_struct_na_base_pair_step.step_number 
_ndb_struct_na_base_pair_step.step_name 
_ndb_struct_na_base_pair_step.i_auth_asym_id_1 
_ndb_struct_na_base_pair_step.i_auth_seq_id_1 
_ndb_struct_na_base_pair_step.i_PDB_ins_code_1 
_ndb_struct_na_base_pair_step.j_auth_asym_id_1 
_ndb_struct_na_base_pair_step.j_auth_seq_id_1 
_ndb_struct_na_base_pair_step.j_PDB_ins_code_1 
_ndb_struct_na_base_pair_step.i_auth_asym_id_2 
_ndb_struct_na_base_pair_step.i_auth_seq_id_2 
_ndb_struct_na_base_pair_step.i_PDB_ins_code_2 
_ndb_struct_na_base_pair_step.j_auth_asym_id_2 
_ndb_struct_na_base_pair_step.j_auth_seq_id_2 
_ndb_struct_na_base_pair_step.j_PDB_ins_code_2 
1 A DC 1 1_555 A DG 6 6_467 A DG 2 1_555 A DC 5 6_467 -0.063 0.591  2.982 2.352 2.499  32.098 0.657  0.496  3.006 4.504  -4.239 
32.277 1 CC_DC1DG2:DC5DG6_CC C 1 ? C 6 ? C 2 ? C 5 ? 
1 A DG 2 1_555 A DC 5 6_467 A DT 3 1_555 A DA 4 6_467 0.372  -0.587 3.333 3.459 -1.315 32.690 -0.806 -0.050 3.374 -2.327 -6.121 
32.893 2 CC_DG2DT3:DA4DC5_CC C 2 ? C 5 ? C 3 ? C 4 ? 
# 
_atom_sites.entry_id                    3FX8 
_atom_sites.fract_transf_matrix[1][1]   -0.01471008 
_atom_sites.fract_transf_matrix[1][2]   -0.01100906 
_atom_sites.fract_transf_matrix[1][3]   -0.00864333 
_atom_sites.fract_transf_matrix[2][1]   0.00662842 
_atom_sites.fract_transf_matrix[2][2]   -0.01652303 
_atom_sites.fract_transf_matrix[2][3]   0.00976456 
_atom_sites.fract_transf_matrix[3][1]   -0.01232763 
_atom_sites.fract_transf_matrix[3][2]   0.00425244 
_atom_sites.fract_transf_matrix[3][3]   0.01556404 
_atom_sites.fract_transf_vector[1]      0.067513 
_atom_sites.fract_transf_vector[2]      1.382500 
_atom_sites.fract_transf_vector[3]      0.749895 
# 
loop_
_atom_type.symbol 
C  
FE 
N  
O  
P  
S  
# 
loop_
_atom_site.group_PDB 
_atom_site.id 
_atom_site.type_symbol 
_atom_site.label_atom_id 
_atom_site.label_alt_id 
_atom_site.label_comp_id 
_atom_site.label_asym_id 
_atom_site.label_entity_id 
_atom_site.label_seq_id 
_atom_site.pdbx_PDB_ins_code 
_atom_site.Cartn_x 
_atom_site.Cartn_y 
_atom_site.Cartn_z 
_atom_site.occupancy 
_atom_site.B_iso_or_equiv 
_atom_site.pdbx_formal_charge 
_atom_site.auth_seq_id 
_atom_site.auth_comp_id 
_atom_site.auth_asym_id 
_atom_site.auth_atom_id 
_atom_site.pdbx_PDB_model_num 
ATOM   1   O  "O5'" . DC  A 1 1 ? -11.019 -2.287  7.091   1.00 80.61  ? 1   DC  C "O5'" 1 
ATOM   2   C  "C5'" . DC  A 1 1 ? -9.982  -3.269  7.247   1.00 88.06  ? 1   DC  C "C5'" 1 
ATOM   3   C  "C4'" . DC  A 1 1 ? -8.662  -2.579  7.492   1.00 89.95  ? 1   DC  C "C4'" 1 
ATOM   4   O  "O4'" . DC  A 1 1 ? -7.549  -3.495  7.348   1.00 89.28  ? 1   DC  C "O4'" 1 
ATOM   5   C  "C3'" . DC  A 1 1 ? -8.364  -1.438  6.520   1.00 94.09  ? 1   DC  C "C3'" 1 
ATOM   6   O  "O3'" . DC  A 1 1 ? -7.788  -0.349  7.222   1.00 99.21  ? 1   DC  C "O3'" 1 
ATOM   7   C  "C2'" . DC  A 1 1 ? -7.429  -2.055  5.507   1.00 90.80  ? 1   DC  C "C2'" 1 
ATOM   8   C  "C1'" . DC  A 1 1 ? -6.621  -2.998  6.384   1.00 84.74  ? 1   DC  C "C1'" 1 
ATOM   9   N  N1    . DC  A 1 1 ? -6.028  -4.157  5.699   1.00 78.44  ? 1   DC  C N1    1 
ATOM   10  C  C2    . DC  A 1 1 ? -4.634  -4.210  5.596   1.00 75.45  ? 1   DC  C C2    1 
ATOM   11  O  O2    . DC  A 1 1 ? -3.987  -3.275  6.093   1.00 84.21  ? 1   DC  C O2    1 
ATOM   12  N  N3    . DC  A 1 1 ? -4.064  -5.264  4.972   1.00 75.75  ? 1   DC  C N3    1 
ATOM   13  C  C4    . DC  A 1 1 ? -4.805  -6.249  4.456   1.00 73.23  ? 1   DC  C C4    1 
ATOM   14  N  N4    . DC  A 1 1 ? -4.181  -7.267  3.851   1.00 51.76  ? 1   DC  C N4    1 
ATOM   15  C  C5    . DC  A 1 1 ? -6.226  -6.220  4.544   1.00 68.48  ? 1   DC  C C5    1 
ATOM   16  C  C6    . DC  A 1 1 ? -6.776  -5.169  5.166   1.00 74.56  ? 1   DC  C C6    1 
ATOM   17  P  P     . DG  A 1 2 ? -8.056  1.176   6.779   1.00 97.08  ? 2   DG  C P     1 
ATOM   18  O  OP1   . DG  A 1 2 ? -9.167  1.744   7.593   1.00 103.65 ? 2   DG  C OP1   1 
ATOM   19  O  OP2   . DG  A 1 2 ? -8.145  1.263   5.298   1.00 101.10 ? 2   DG  C OP2   1 
ATOM   20  O  "O5'" . DG  A 1 2 ? -6.705  1.879   7.251   1.00 89.97  ? 2   DG  C "O5'" 1 
ATOM   21  C  "C5'" . DG  A 1 2 ? -6.105  2.957   6.570   1.00 86.60  ? 2   DG  C "C5'" 1 
ATOM   22  C  "C4'" . DG  A 1 2 ? -4.998  2.556   5.654   1.00 94.54  ? 2   DG  C "C4'" 1 
ATOM   23  O  "O4'" . DG  A 1 2 ? -4.718  1.127   5.591   1.00 101.47 ? 2   DG  C "O4'" 1 
ATOM   24  C  "C3'" . DG  A 1 2 ? -5.275  2.823   4.171   1.00 104.39 ? 2   DG  C "C3'" 1 
ATOM   25  O  "O3'" . DG  A 1 2 ? -5.393  4.205   3.878   1.00 108.00 ? 2   DG  C "O3'" 1 
ATOM   26  C  "C2'" . DG  A 1 2 ? -4.060  2.160   3.564   1.00 105.42 ? 2   DG  C "C2'" 1 
ATOM   27  C  "C1'" . DG  A 1 2 ? -3.892  0.915   4.445   1.00 96.47  ? 2   DG  C "C1'" 1 
ATOM   28  N  N9    . DG  A 1 2 ? -4.262  -0.283  3.700   1.00 78.58  ? 2   DG  C N9    1 
ATOM   29  C  C8    . DG  A 1 2 ? -5.493  -0.667  3.228   1.00 77.81  ? 2   DG  C C8    1 
ATOM   30  N  N7    . DG  A 1 2 ? -5.475  -1.813  2.594   1.00 70.92  ? 2   DG  C N7    1 
ATOM   31  C  C5    . DG  A 1 2 ? -4.145  -2.219  2.647   1.00 64.60  ? 2   DG  C C5    1 
ATOM   32  C  C6    . DG  A 1 2 ? -3.503  -3.377  2.136   1.00 62.35  ? 2   DG  C C6    1 
ATOM   33  O  O6    . DG  A 1 2 ? -3.967  -4.338  1.504   1.00 68.35  ? 2   DG  C O6    1 
ATOM   34  N  N1    . DG  A 1 2 ? -2.142  -3.383  2.418   1.00 52.15  ? 2   DG  C N1    1 
ATOM   35  C  C2    . DG  A 1 2 ? -1.488  -2.391  3.108   1.00 56.99  ? 2   DG  C C2    1 
ATOM   36  N  N2    . DG  A 1 2 ? -0.168  -2.574  3.285   1.00 47.82  ? 2   DG  C N2    1 
ATOM   37  N  N3    . DG  A 1 2 ? -2.071  -1.309  3.589   1.00 59.46  ? 2   DG  C N3    1 
ATOM   38  C  C4    . DG  A 1 2 ? -3.391  -1.285  3.325   1.00 64.36  ? 2   DG  C C4    1 
ATOM   39  P  P     . DT  A 1 3 ? -4.017  5.032   3.704   1.00 102.24 ? 3   DT  C P     1 
ATOM   40  O  OP1   . DT  A 1 3 ? -3.034  4.507   4.694   1.00 103.75 ? 3   DT  C OP1   1 
ATOM   41  O  OP2   . DT  A 1 3 ? -4.318  6.484   3.657   1.00 106.07 ? 3   DT  C OP2   1 
ATOM   42  O  "O5'" . DT  A 1 3 ? -3.526  4.573   2.255   1.00 95.34  ? 3   DT  C "O5'" 1 
ATOM   43  C  "C5'" . DT  A 1 3 ? -2.264  4.974   1.751   1.00 87.19  ? 3   DT  C "C5'" 1 
ATOM   44  C  "C4'" . DT  A 1 3 ? -1.188  3.929   1.912   1.00 80.30  ? 3   DT  C "C4'" 1 
ATOM   45  O  "O4'" . DT  A 1 3 ? -1.748  2.610   2.040   1.00 81.85  ? 3   DT  C "O4'" 1 
ATOM   46  C  "C3'" . DT  A 1 3 ? -0.239  3.887   0.714   1.00 83.11  ? 3   DT  C "C3'" 1 
ATOM   47  O  "O3'" . DT  A 1 3 ? 1.033   4.436   1.088   1.00 86.71  ? 3   DT  C "O3'" 1 
ATOM   48  C  "C2'" . DT  A 1 3 ? -0.149  2.445   0.304   1.00 73.67  ? 3   DT  C "C2'" 1 
ATOM   49  C  "C1'" . DT  A 1 3 ? -0.960  1.675   1.317   1.00 72.53  ? 3   DT  C "C1'" 1 
ATOM   50  N  N1    . DT  A 1 3 ? -1.900  0.714   0.712   1.00 54.94  ? 3   DT  C N1    1 
ATOM   51  C  C2    . DT  A 1 3 ? -1.456  -0.526  0.326   1.00 64.22  ? 3   DT  C C2    1 
ATOM   52  O  O2    . DT  A 1 3 ? -0.305  -0.931  0.443   1.00 69.76  ? 3   DT  C O2    1 
ATOM   53  N  N3    . DT  A 1 3 ? -2.431  -1.325  -0.227  1.00 60.59  ? 3   DT  C N3    1 
ATOM   54  C  C4    . DT  A 1 3 ? -3.759  -0.996  -0.416  1.00 58.12  ? 3   DT  C C4    1 
ATOM   55  O  O4    . DT  A 1 3 ? -4.526  -1.811  -0.924  1.00 72.36  ? 3   DT  C O4    1 
ATOM   56  C  C5    . DT  A 1 3 ? -4.142  0.326   0.016   1.00 48.16  ? 3   DT  C C5    1 
ATOM   57  C  C7    . DT  A 1 3 ? -5.559  0.759   -0.154  1.00 60.39  ? 3   DT  C C7    1 
ATOM   58  C  C6    . DT  A 1 3 ? -3.208  1.117   0.554   1.00 44.92  ? 3   DT  C C6    1 
ATOM   59  P  P     . DA  A 1 4 ? 2.057   3.544   1.944   1.00 80.92  ? 4   DA  C P     1 
ATOM   60  O  OP1   . DA  A 1 4 ? 1.281   2.813   2.983   1.00 68.35  ? 4   DA  C OP1   1 
ATOM   61  O  OP2   . DA  A 1 4 ? 3.229   4.361   2.337   1.00 83.39  ? 4   DA  C OP2   1 
ATOM   62  O  "O5'" . DA  A 1 4 ? 2.588   2.478   0.874   1.00 88.73  ? 4   DA  C "O5'" 1 
ATOM   63  C  "C5'" . DA  A 1 4 ? 3.903   1.946   0.917   1.00 82.63  ? 4   DA  C "C5'" 1 
ATOM   64  C  "C4'" . DA  A 1 4 ? 4.377   1.434   -0.423  1.00 73.99  ? 4   DA  C "C4'" 1 
ATOM   65  O  "O4'" . DA  A 1 4 ? 3.344   1.522   -1.428  1.00 78.87  ? 4   DA  C "O4'" 1 
ATOM   66  C  "C3'" . DA  A 1 4 ? 5.553   2.222   -0.997  1.00 73.69  ? 4   DA  C "C3'" 1 
ATOM   67  O  "O3'" . DA  A 1 4 ? 6.567   1.320   -1.435  1.00 79.28  ? 4   DA  C "O3'" 1 
ATOM   68  C  "C2'" . DA  A 1 4 ? 4.972   3.043   -2.127  1.00 74.90  ? 4   DA  C "C2'" 1 
ATOM   69  C  "C1'" . DA  A 1 4 ? 3.817   2.198   -2.603  1.00 71.17  ? 4   DA  C "C1'" 1 
ATOM   70  N  N9    . DA  A 1 4 ? 2.629   2.878   -3.123  1.00 70.68  ? 4   DA  C N9    1 
ATOM   71  C  C8    . DA  A 1 4 ? 1.671   3.575   -2.419  1.00 67.48  ? 4   DA  C C8    1 
ATOM   72  N  N7    . DA  A 1 4 ? 0.713   4.078   -3.165  1.00 63.05  ? 4   DA  C N7    1 
ATOM   73  C  C5    . DA  A 1 4 ? 1.061   3.686   -4.453  1.00 67.43  ? 4   DA  C C5    1 
ATOM   74  C  C6    . DA  A 1 4 ? 0.468   3.890   -5.708  1.00 69.03  ? 4   DA  C C6    1 
ATOM   75  N  N6    . DA  A 1 4 ? -0.659  4.573   -5.915  1.00 81.68  ? 4   DA  C N6    1 
ATOM   76  N  N1    . DA  A 1 4 ? 1.074   3.359   -6.795  1.00 71.75  ? 4   DA  C N1    1 
ATOM   77  C  C2    . DA  A 1 4 ? 2.206   2.669   -6.623  1.00 68.35  ? 4   DA  C C2    1 
ATOM   78  N  N3    . DA  A 1 4 ? 2.866   2.406   -5.501  1.00 72.97  ? 4   DA  C N3    1 
ATOM   79  C  C4    . DA  A 1 4 ? 2.237   2.946   -4.440  1.00 73.52  ? 4   DA  C C4    1 
ATOM   80  P  P     . DC  A 1 5 ? 7.975   1.946   -1.900  1.00 81.27  ? 5   DC  C P     1 
ATOM   81  O  OP1   . DC  A 1 5 ? 9.043   0.913   -1.895  1.00 85.90  ? 5   DC  C OP1   1 
ATOM   82  O  OP2   . DC  A 1 5 ? 8.201   3.191   -1.106  1.00 90.66  ? 5   DC  C OP2   1 
ATOM   83  O  "O5'" . DC  A 1 5 ? 7.712   2.363   -3.419  1.00 79.03  ? 5   DC  C "O5'" 1 
ATOM   84  C  "C5'" . DC  A 1 5 ? 6.954   1.553   -4.303  1.00 72.12  ? 5   DC  C "C5'" 1 
ATOM   85  C  "C4'" . DC  A 1 5 ? 7.286   1.829   -5.743  1.00 78.47  ? 5   DC  C "C4'" 1 
ATOM   86  O  "O4'" . DC  A 1 5 ? 6.210   2.597   -6.350  1.00 86.82  ? 5   DC  C "O4'" 1 
ATOM   87  C  "C3'" . DC  A 1 5 ? 8.506   2.694   -6.049  1.00 82.31  ? 5   DC  C "C3'" 1 
ATOM   88  O  "O3'" . DC  A 1 5 ? 8.953   2.471   -7.362  1.00 84.52  ? 5   DC  C "O3'" 1 
ATOM   89  C  "C2'" . DC  A 1 5 ? 7.932   4.078   -5.804  1.00 74.57  ? 5   DC  C "C2'" 1 
ATOM   90  C  "C1'" . DC  A 1 5 ? 6.648   3.940   -6.606  1.00 76.00  ? 5   DC  C "C1'" 1 
ATOM   91  N  N1    . DC  A 1 5 ? 5.516   4.808   -6.251  1.00 66.07  ? 5   DC  C N1    1 
ATOM   92  C  C2    . DC  A 1 5 ? 4.651   5.213   -7.273  1.00 59.52  ? 5   DC  C C2    1 
ATOM   93  O  O2    . DC  A 1 5 ? 4.845   4.846   -8.440  1.00 60.07  ? 5   DC  C O2    1 
ATOM   94  N  N3    . DC  A 1 5 ? 3.599   6.009   -6.988  1.00 64.84  ? 5   DC  C N3    1 
ATOM   95  C  C4    . DC  A 1 5 ? 3.397   6.399   -5.730  1.00 65.84  ? 5   DC  C C4    1 
ATOM   96  N  N4    . DC  A 1 5 ? 2.333   7.185   -5.538  1.00 87.34  ? 5   DC  C N4    1 
ATOM   97  C  C5    . DC  A 1 5 ? 4.257   6.007   -4.668  1.00 61.58  ? 5   DC  C C5    1 
ATOM   98  C  C6    . DC  A 1 5 ? 5.298   5.216   -4.962  1.00 64.52  ? 5   DC  C C6    1 
ATOM   99  P  P     . DG  A 1 6 ? 10.452  2.370   -7.900  1.00 84.81  ? 6   DG  C P     1 
ATOM   100 O  OP1   . DG  A 1 6 ? 10.659  1.119   -8.686  1.00 82.70  ? 6   DG  C OP1   1 
ATOM   101 O  OP2   . DG  A 1 6 ? 11.415  2.681   -6.809  1.00 79.61  ? 6   DG  C OP2   1 
ATOM   102 O  "O5'" . DG  A 1 6 ? 10.513  3.562   -8.981  1.00 87.91  ? 6   DG  C "O5'" 1 
ATOM   103 C  "C5'" . DG  A 1 6 ? 9.419   3.710   -9.891  1.00 89.55  ? 6   DG  C "C5'" 1 
ATOM   104 C  "C4'" . DG  A 1 6 ? 9.397   5.072   -10.530 1.00 89.60  ? 6   DG  C "C4'" 1 
ATOM   105 O  "O4'" . DG  A 1 6 ? 8.257   5.855   -10.060 1.00 76.84  ? 6   DG  C "O4'" 1 
ATOM   106 C  "C3'" . DG  A 1 6 ? 10.617  5.933   -10.227 1.00 90.67  ? 6   DG  C "C3'" 1 
ATOM   107 O  "O3'" . DG  A 1 6 ? 10.919  6.841   -11.269 1.00 103.17 ? 6   DG  C "O3'" 1 
ATOM   108 C  "C2'" . DG  A 1 6 ? 10.179  6.640   -8.959  1.00 84.10  ? 6   DG  C "C2'" 1 
ATOM   109 C  "C1'" . DG  A 1 6 ? 8.772   7.031   -9.438  1.00 74.75  ? 6   DG  C "C1'" 1 
ATOM   110 N  N9    . DG  A 1 6 ? 7.894   7.458   -8.364  1.00 63.75  ? 6   DG  C N9    1 
ATOM   111 C  C8    . DG  A 1 6 ? 8.037   7.431   -7.005  1.00 61.33  ? 6   DG  C C8    1 
ATOM   112 N  N7    . DG  A 1 6 ? 7.001   7.917   -6.372  1.00 64.19  ? 6   DG  C N7    1 
ATOM   113 C  C5    . DG  A 1 6 ? 6.116   8.288   -7.378  1.00 62.14  ? 6   DG  C C5    1 
ATOM   114 C  C6    . DG  A 1 6 ? 4.828   8.870   -7.365  1.00 59.37  ? 6   DG  C C6    1 
ATOM   115 O  O6    . DG  A 1 6 ? 4.123   9.214   -6.410  1.00 64.94  ? 6   DG  C O6    1 
ATOM   116 N  N1    . DG  A 1 6 ? 4.327   9.060   -8.645  1.00 65.29  ? 6   DG  C N1    1 
ATOM   117 C  C2    . DG  A 1 6 ? 4.959   8.742   -9.817  1.00 71.52  ? 6   DG  C C2    1 
ATOM   118 N  N2    . DG  A 1 6 ? 4.319   9.000   -10.965 1.00 79.13  ? 6   DG  C N2    1 
ATOM   119 N  N3    . DG  A 1 6 ? 6.160   8.199   -9.850  1.00 76.56  ? 6   DG  C N3    1 
ATOM   120 C  C4    . DG  A 1 6 ? 6.656   8.010   -8.609  1.00 66.32  ? 6   DG  C C4    1 
HETATM 121 FE FE    . FE2 B 2 . ? -2.825  -2.985  12.432  0.33 88.78  ? 101 FE2 C FE    1 
HETATM 122 FE FE    . FE2 C 2 . ? -1.462  -13.187 7.795   0.33 95.00  ? 102 FE2 C FE    1 
HETATM 123 FE FE    . FE2 D 2 . ? 3.326   -3.035  -5.949  0.33 70.95  ? 201 FE2 C FE    1 
HETATM 124 FE FE    . FE2 E 2 . ? -7.615  0.139   -6.873  0.33 92.03  ? 202 FE2 C FE    1 
HETATM 125 N  N11   . 5PM F 3 . ? -2.360  -2.529  14.304  1.00 98.57  ? 111 5PM C N11   1 
HETATM 126 N  N12   . 5PM F 3 . ? -1.107  -3.872  12.518  1.00 73.57  ? 111 5PM C N12   1 
HETATM 127 N  N13   . 5PM F 3 . ? -0.948  -11.548 6.808   1.00 109.77 ? 111 5PM C N13   1 
HETATM 128 N  N14   . 5PM F 3 . ? -2.135  -13.677 6.002   1.00 137.31 ? 111 5PM C N14   1 
HETATM 129 C  C1A   . 5PM F 3 . ? -3.062  -1.822  15.185  1.00 108.79 ? 111 5PM C C1A   1 
HETATM 130 C  C1B   . 5PM F 3 . ? -2.621  -1.574  16.488  1.00 116.43 ? 111 5PM C C1B   1 
HETATM 131 C  C1C   . 5PM F 3 . ? -1.432  -2.057  16.878  1.00 117.59 ? 111 5PM C C1C   1 
HETATM 132 C  C1D   . 5PM F 3 . ? -0.685  -2.787  15.974  1.00 109.44 ? 111 5PM C C1D   1 
HETATM 133 C  C1E   . 5PM F 3 . ? -1.171  -3.005  14.708  1.00 94.03  ? 111 5PM C C1E   1 
HETATM 134 C  C1F   . 5PM F 3 . ? -0.511  -3.759  13.661  1.00 78.64  ? 111 5PM C C1F   1 
HETATM 135 C  C1G   . 5PM F 3 . ? -0.369  -4.636  11.529  1.00 73.90  ? 111 5PM C C1G   1 
HETATM 136 C  C1H   . 5PM F 3 . ? 0.167   -4.008  10.427  1.00 70.68  ? 111 5PM C C1H   1 
HETATM 137 C  C1I   . 5PM F 3 . ? 0.855   -4.755  9.466   1.00 70.61  ? 111 5PM C C1I   1 
HETATM 138 C  C1J   . 5PM F 3 . ? 1.031   -6.108  9.612   1.00 68.71  ? 111 5PM C C1J   1 
HETATM 139 C  C1K   . 5PM F 3 . ? 0.468   -6.718  10.736  1.00 60.95  ? 111 5PM C C1K   1 
HETATM 140 C  C1L   . 5PM F 3 . ? -0.239  -5.995  11.686  1.00 65.48  ? 111 5PM C C1L   1 
HETATM 141 S  S1M   . 5PM F 3 . ? 1.899   -6.899  8.666   1.00 72.93  ? 111 5PM C S1M   1 
HETATM 142 C  C1N   . 5PM F 3 . ? 1.140   -8.116  8.183   1.00 75.86  ? 111 5PM C C1N   1 
HETATM 143 C  C1O   . 5PM F 3 . ? 1.732   -9.347  8.118   1.00 69.62  ? 111 5PM C C1O   1 
HETATM 144 C  C1P   . 5PM F 3 . ? 1.081   -10.474 7.667   1.00 76.62  ? 111 5PM C C1P   1 
HETATM 145 C  C1Q   . 5PM F 3 . ? -0.228  -10.386 7.319   1.00 94.89  ? 111 5PM C C1Q   1 
HETATM 146 C  C1R   . 5PM F 3 . ? -0.830  -9.181  7.375   1.00 92.25  ? 111 5PM C C1R   1 
HETATM 147 C  C1S   . 5PM F 3 . ? -0.162  -8.058  7.790   1.00 86.34  ? 111 5PM C C1S   1 
HETATM 148 C  C1T   . 5PM F 3 . ? -1.246  -11.541 5.561   1.00 123.24 ? 111 5PM C C1T   1 
HETATM 149 C  C1U   . 5PM F 3 . ? -1.938  -12.705 5.050   1.00 133.33 ? 111 5PM C C1U   1 
HETATM 150 C  C1V   . 5PM F 3 . ? -2.378  -12.843 3.734   1.00 139.31 ? 111 5PM C C1V   1 
HETATM 151 C  C1W   . 5PM F 3 . ? -3.017  -14.010 3.379   1.00 143.09 ? 111 5PM C C1W   1 
HETATM 152 C  C1X   . 5PM F 3 . ? -3.204  -14.975 4.355   1.00 143.77 ? 111 5PM C C1X   1 
HETATM 153 C  C1Y   . 5PM F 3 . ? -2.762  -14.792 5.639   1.00 140.76 ? 111 5PM C C1Y   1 
HETATM 154 N  N11   . 5PM G 3 . ? 4.686   -2.231  -7.156  1.00 58.70  ? 211 5PM C N11   1 
HETATM 155 N  N12   . 5PM G 3 . ? 2.791   -1.158  -5.801  1.00 62.28  ? 211 5PM C N12   1 
HETATM 156 N  N13   . 5PM G 3 . ? -6.907  -0.145  -5.036  1.00 70.60  ? 211 5PM C N13   1 
HETATM 157 N  N14   . 5PM G 3 . ? -9.124  -0.877  -6.119  1.00 83.41  ? 211 5PM C N14   1 
HETATM 158 C  C1A   . 5PM G 3 . ? 5.652   -2.843  -7.839  1.00 63.71  ? 211 5PM C C1A   1 
HETATM 159 C  C1B   . 5PM G 3 . ? 6.565   -2.193  -8.679  1.00 46.00  ? 211 5PM C C1B   1 
HETATM 160 C  C1C   . 5PM G 3 . ? 6.465   -0.860  -8.785  1.00 48.64  ? 211 5PM C C1C   1 
HETATM 161 C  C1D   . 5PM G 3 . ? 5.479   -0.200  -8.083  1.00 55.25  ? 211 5PM C C1D   1 
HETATM 162 C  C1E   . 5PM G 3 . ? 4.598   -0.903  -7.294  1.00 56.63  ? 211 5PM C C1E   1 
HETATM 163 C  C1F   . 5PM G 3 . ? 3.519   -0.355  -6.495  1.00 58.47  ? 211 5PM C C1F   1 
HETATM 164 C  C1G   . 5PM G 3 . ? 1.703   -0.564  -5.038  1.00 65.44  ? 211 5PM C C1G   1 
HETATM 165 C  C1H   . 5PM G 3 . ? 1.719   -0.419  -3.670  1.00 55.57  ? 211 5PM C C1H   1 
HETATM 166 C  C1I   . 5PM G 3 . ? 0.642   0.189   -3.008  1.00 52.23  ? 211 5PM C C1I   1 
HETATM 167 C  C1J   . 5PM G 3 . ? -0.480  0.608   -3.686  1.00 66.51  ? 211 5PM C C1J   1 
HETATM 168 C  C1K   . 5PM G 3 . ? -0.479  0.461   -5.083  1.00 58.39  ? 211 5PM C C1K   1 
HETATM 169 C  C1L   . 5PM G 3 . ? 0.599   -0.120  -5.743  1.00 57.69  ? 211 5PM C C1L   1 
HETATM 170 S  S1M   . 5PM G 3 . ? -1.685  1.214   -3.002  1.00 68.59  ? 211 5PM C S1M   1 
HETATM 171 C  C1N   . 5PM G 3 . ? -3.066  0.897   -3.539  1.00 70.18  ? 211 5PM C C1N   1 
HETATM 172 C  C1O   . 5PM G 3 . ? -3.997  1.865   -3.827  1.00 70.93  ? 211 5PM C C1O   1 
HETATM 173 C  C1P   . 5PM G 3 . ? -5.266  1.549   -4.291  1.00 73.63  ? 211 5PM C C1P   1 
HETATM 174 C  C1Q   . 5PM G 3 . ? -5.610  0.254   -4.507  1.00 72.27  ? 211 5PM C C1Q   1 
HETATM 175 C  C1R   . 5PM G 3 . ? -4.692  -0.713  -4.265  1.00 70.15  ? 211 5PM C C1R   1 
HETATM 176 C  C1S   . 5PM G 3 . ? -3.451  -0.387  -3.773  1.00 70.27  ? 211 5PM C C1S   1 
HETATM 177 C  C1T   . 5PM G 3 . ? -7.649  -0.859  -4.278  1.00 75.48  ? 211 5PM C C1T   1 
HETATM 178 C  C1U   . 5PM G 3 . ? -8.916  -1.290  -4.822  1.00 84.73  ? 211 5PM C C1U   1 
HETATM 179 C  C1V   . 5PM G 3 . ? -9.862  -2.037  -4.121  1.00 97.30  ? 211 5PM C C1V   1 
HETATM 180 C  C1W   . 5PM G 3 . ? -11.036 -2.386  -4.757  1.00 100.25 ? 211 5PM C C1W   1 
HETATM 181 C  C1X   . 5PM G 3 . ? -11.207 -1.977  -6.071  1.00 98.70  ? 211 5PM C C1X   1 
HETATM 182 C  C1Y   . 5PM G 3 . ? -10.247 -1.244  -6.723  1.00 89.95  ? 211 5PM C C1Y   1 
# 
